data_5JP1
#
_entry.id   5JP1
#
_cell.length_a   119.103
_cell.length_b   119.103
_cell.length_c   50.463
_cell.angle_alpha   90.00
_cell.angle_beta   90.00
_cell.angle_gamma   120.00
#
_symmetry.space_group_name_H-M   'P 64'
#
loop_
_entity.id
_entity.type
_entity.pdbx_description
1 polymer 'Xanthomonas outer protein D'
2 polymer 'Small ubiquitin-related modifier'
3 non-polymer 'MALONATE ION'
4 non-polymer (4S,5S)-1,2-DITHIANE-4,5-DIOL
5 water water
#
loop_
_entity_poly.entity_id
_entity_poly.type
_entity_poly.pdbx_seq_one_letter_code
_entity_poly.pdbx_strand_id
1 'polypeptide(L)'
;GPHGTQTPMGYSAMTPERIDVDNLPSPQDVADPELPPVRATSWLLDGHLRAYTDDLARRLRGEPNAHLLHFADSQVVTML
SSADPDQQARAQRLLAGDDIPPIVFLPINQPNAHWSLLVVDRRNKDAVAAYHYDSMAQKDPQQRYLADMAAYHLGLDYQQ
THEMPIAIQSDGYSCGDHVLTGIEVLAHRVLDGTFDYAGGRDLTDIEPDRGLIRDRLAQA
;
A
2 'polypeptide(L)'
;MSASGGTGDEDKKPNDQMVHINLKVKGQDGNEVFFRIKRSTQMRKLMNAYCDRQSVDMNSIAFLFDGRRLRAEQTPDELE
MEEGDEIDAMLHQTG(AYE)
;
B
#
loop_
_chem_comp.id
_chem_comp.type
_chem_comp.name
_chem_comp.formula
AYE non-polymer prop-2-en-1-amine 'C3 H7 N'
D1D non-polymer (4S,5S)-1,2-DITHIANE-4,5-DIOL 'C4 H8 O2 S2'
MLI non-polymer 'MALONATE ION' 'C3 H2 O4 -2'
#
# COMPACT_ATOMS: atom_id res chain seq x y z
N ASP A 22 9.67 -1.71 31.33
CA ASP A 22 10.97 -1.25 30.86
C ASP A 22 10.84 -0.54 29.51
N ASN A 23 10.13 -1.18 28.57
CA ASN A 23 9.88 -0.61 27.26
C ASN A 23 8.46 -0.09 27.10
N LEU A 24 7.61 -0.25 28.13
CA LEU A 24 6.23 0.23 28.14
C LEU A 24 6.17 1.73 27.86
N PRO A 25 5.11 2.21 27.22
CA PRO A 25 4.98 3.66 27.02
C PRO A 25 4.62 4.37 28.31
N SER A 26 5.31 5.48 28.56
CA SER A 26 5.06 6.20 29.79
C SER A 26 4.22 7.45 29.53
N PRO A 27 3.33 7.82 30.45
CA PRO A 27 2.52 9.03 30.23
C PRO A 27 3.33 10.31 30.12
N GLN A 28 4.57 10.32 30.61
CA GLN A 28 5.41 11.51 30.54
C GLN A 28 6.14 11.65 29.20
N ASP A 29 6.05 10.65 28.34
CA ASP A 29 6.69 10.67 27.03
C ASP A 29 5.62 10.88 25.95
N VAL A 30 6.08 10.93 24.70
CA VAL A 30 5.18 11.10 23.57
C VAL A 30 4.35 9.84 23.39
N ALA A 31 3.08 10.02 23.03
CA ALA A 31 2.20 8.89 22.82
C ALA A 31 2.59 8.13 21.55
N ASP A 32 2.18 6.87 21.50
CA ASP A 32 2.43 6.05 20.32
C ASP A 32 1.67 6.63 19.13
N PRO A 33 2.15 6.38 17.91
CA PRO A 33 1.45 6.92 16.72
C PRO A 33 0.09 6.28 16.53
N GLU A 34 -0.81 7.05 15.94
CA GLU A 34 -2.16 6.60 15.65
C GLU A 34 -2.61 7.19 14.33
N LEU A 35 -3.24 6.35 13.51
CA LEU A 35 -3.77 6.82 12.24
C LEU A 35 -4.96 7.75 12.49
N PRO A 36 -4.96 8.96 11.95
CA PRO A 36 -6.05 9.90 12.22
C PRO A 36 -7.36 9.43 11.58
N PRO A 37 -8.50 9.84 12.13
CA PRO A 37 -9.77 9.38 11.59
C PRO A 37 -10.12 10.06 10.28
N VAL A 38 -11.04 9.43 9.55
CA VAL A 38 -11.48 9.93 8.26
C VAL A 38 -12.68 10.85 8.47
N ARG A 39 -12.66 11.99 7.80
CA ARG A 39 -13.72 12.96 7.86
C ARG A 39 -14.60 12.92 6.62
N ALA A 40 -15.46 13.89 6.46
CA ALA A 40 -16.41 13.84 5.35
C ALA A 40 -15.72 14.09 4.01
N THR A 41 -14.76 15.02 3.98
CA THR A 41 -14.08 15.37 2.73
C THR A 41 -12.56 15.38 2.89
N SER A 42 -12.02 14.65 3.88
CA SER A 42 -10.59 14.62 4.08
C SER A 42 -9.91 13.70 3.07
N TRP A 43 -8.69 14.08 2.67
CA TRP A 43 -7.91 13.25 1.78
C TRP A 43 -7.49 11.96 2.48
N LEU A 44 -7.55 10.86 1.74
CA LEU A 44 -7.19 9.57 2.30
C LEU A 44 -5.68 9.39 2.28
N LEU A 45 -5.16 8.79 3.35
CA LEU A 45 -3.74 8.47 3.47
C LEU A 45 -3.50 7.01 3.08
N ASP A 46 -2.21 6.68 2.88
CA ASP A 46 -1.86 5.32 2.52
C ASP A 46 -2.24 4.34 3.63
N GLY A 47 -2.19 4.80 4.89
CA GLY A 47 -2.65 3.96 5.98
C GLY A 47 -4.12 3.63 5.91
N HIS A 48 -4.94 4.58 5.43
CA HIS A 48 -6.37 4.31 5.28
C HIS A 48 -6.63 3.29 4.19
N LEU A 49 -5.85 3.33 3.11
CA LEU A 49 -6.07 2.39 2.01
C LEU A 49 -5.73 0.96 2.44
N ARG A 50 -4.62 0.78 3.16
CA ARG A 50 -4.22 -0.57 3.55
C ARG A 50 -5.16 -1.14 4.59
N ALA A 51 -5.66 -0.31 5.50
CA ALA A 51 -6.64 -0.78 6.48
C ALA A 51 -7.92 -1.24 5.79
N TYR A 52 -8.33 -0.54 4.73
CA TYR A 52 -9.51 -0.95 3.98
C TYR A 52 -9.29 -2.28 3.28
N THR A 53 -8.16 -2.42 2.59
CA THR A 53 -7.91 -3.66 1.85
C THR A 53 -7.59 -4.83 2.78
N ASP A 54 -7.00 -4.55 3.94
CA ASP A 54 -6.86 -5.60 4.94
C ASP A 54 -8.22 -6.14 5.36
N ASP A 55 -9.16 -5.23 5.64
CA ASP A 55 -10.50 -5.65 6.03
C ASP A 55 -11.23 -6.35 4.90
N LEU A 56 -10.99 -5.91 3.65
CA LEU A 56 -11.62 -6.58 2.51
C LEU A 56 -11.11 -8.01 2.37
N ALA A 57 -9.79 -8.20 2.52
CA ALA A 57 -9.24 -9.55 2.43
C ALA A 57 -9.83 -10.47 3.50
N ARG A 58 -10.09 -9.93 4.69
CA ARG A 58 -10.74 -10.72 5.74
C ARG A 58 -12.15 -11.11 5.31
N ARG A 59 -12.89 -10.18 4.74
CA ARG A 59 -14.28 -10.46 4.35
C ARG A 59 -14.35 -11.46 3.20
N LEU A 60 -13.32 -11.53 2.36
CA LEU A 60 -13.33 -12.43 1.21
C LEU A 60 -12.73 -13.79 1.52
N ARG A 61 -12.03 -13.94 2.64
CA ARG A 61 -11.30 -15.17 2.93
C ARG A 61 -12.24 -16.36 3.03
N GLY A 62 -11.88 -17.45 2.35
CA GLY A 62 -12.70 -18.65 2.31
C GLY A 62 -13.63 -18.73 1.13
N GLU A 63 -13.84 -17.64 0.40
CA GLU A 63 -14.71 -17.66 -0.76
C GLU A 63 -13.97 -18.21 -1.97
N PRO A 64 -14.68 -18.85 -2.91
CA PRO A 64 -14.03 -19.34 -4.12
C PRO A 64 -13.44 -18.21 -4.93
N ASN A 65 -12.25 -18.46 -5.50
CA ASN A 65 -11.49 -17.54 -6.33
C ASN A 65 -10.83 -16.42 -5.52
N ALA A 66 -11.12 -16.35 -4.21
CA ALA A 66 -10.58 -15.24 -3.43
C ALA A 66 -9.06 -15.29 -3.32
N HIS A 67 -8.47 -16.49 -3.35
CA HIS A 67 -7.02 -16.61 -3.21
C HIS A 67 -6.26 -16.26 -4.48
N LEU A 68 -6.95 -15.91 -5.57
CA LEU A 68 -6.29 -15.39 -6.76
C LEU A 68 -5.97 -13.90 -6.65
N LEU A 69 -6.44 -13.23 -5.60
CA LEU A 69 -6.33 -11.79 -5.45
C LEU A 69 -5.21 -11.43 -4.48
N HIS A 70 -4.63 -10.25 -4.72
CA HIS A 70 -3.61 -9.71 -3.82
C HIS A 70 -3.72 -8.19 -3.81
N PHE A 71 -3.88 -7.61 -2.63
CA PHE A 71 -4.04 -6.17 -2.47
C PHE A 71 -2.72 -5.58 -1.96
N ALA A 72 -2.10 -4.75 -2.79
CA ALA A 72 -0.78 -4.23 -2.47
C ALA A 72 -0.86 -2.98 -1.60
N ASP A 73 0.13 -2.83 -0.74
CA ASP A 73 0.32 -1.60 0.03
C ASP A 73 0.94 -0.55 -0.87
N SER A 74 0.39 0.67 -0.84
CA SER A 74 0.84 1.71 -1.74
C SER A 74 2.29 2.11 -1.50
N GLN A 75 2.81 1.88 -0.29
CA GLN A 75 4.22 2.17 -0.04
C GLN A 75 5.14 1.14 -0.69
N VAL A 76 4.68 -0.11 -0.80
CA VAL A 76 5.48 -1.12 -1.49
C VAL A 76 5.50 -0.84 -3.00
N VAL A 77 4.39 -0.32 -3.53
CA VAL A 77 4.36 0.05 -4.94
C VAL A 77 5.39 1.13 -5.24
N THR A 78 5.44 2.16 -4.37
CA THR A 78 6.43 3.22 -4.56
C THR A 78 7.85 2.70 -4.39
N MET A 79 8.05 1.67 -3.57
CA MET A 79 9.37 1.08 -3.40
C MET A 79 9.92 0.49 -4.69
N LEU A 80 9.06 0.16 -5.66
CA LEU A 80 9.52 -0.39 -6.91
C LEU A 80 10.46 0.56 -7.64
N SER A 81 10.26 1.87 -7.49
CA SER A 81 11.06 2.88 -8.17
C SER A 81 12.20 3.40 -7.30
N SER A 82 12.56 2.68 -6.25
CA SER A 82 13.60 3.15 -5.34
C SER A 82 14.97 3.13 -6.02
N ALA A 83 15.77 4.15 -5.71
CA ALA A 83 17.15 4.18 -6.19
C ALA A 83 18.04 3.17 -5.51
N ASP A 84 17.57 2.55 -4.42
CA ASP A 84 18.36 1.56 -3.71
C ASP A 84 18.14 0.17 -4.30
N PRO A 85 19.21 -0.52 -4.71
CA PRO A 85 19.04 -1.85 -5.31
C PRO A 85 18.27 -2.84 -4.44
N ASP A 86 18.64 -2.98 -3.17
CA ASP A 86 18.02 -4.00 -2.33
C ASP A 86 16.55 -3.67 -2.04
N GLN A 87 16.24 -2.39 -1.83
CA GLN A 87 14.86 -1.99 -1.60
C GLN A 87 14.01 -2.24 -2.84
N GLN A 88 14.57 -2.00 -4.03
CA GLN A 88 13.85 -2.25 -5.27
C GLN A 88 13.57 -3.74 -5.46
N ALA A 89 14.59 -4.57 -5.27
CA ALA A 89 14.41 -6.02 -5.44
C ALA A 89 13.43 -6.57 -4.42
N ARG A 90 13.41 -6.03 -3.20
CA ARG A 90 12.46 -6.49 -2.20
C ARG A 90 11.03 -6.20 -2.62
N ALA A 91 10.79 -5.01 -3.20
CA ALA A 91 9.45 -4.68 -3.67
C ALA A 91 9.04 -5.59 -4.82
N GLN A 92 9.99 -5.92 -5.71
CA GLN A 92 9.68 -6.80 -6.83
C GLN A 92 9.31 -8.20 -6.34
N ARG A 93 9.95 -8.67 -5.27
CA ARG A 93 9.60 -9.97 -4.72
C ARG A 93 8.25 -9.95 -4.03
N LEU A 94 7.92 -8.85 -3.36
CA LEU A 94 6.66 -8.76 -2.62
C LEU A 94 5.45 -8.64 -3.52
N LEU A 95 5.63 -8.22 -4.78
CA LEU A 95 4.52 -8.02 -5.69
C LEU A 95 4.52 -8.95 -6.89
N ALA A 96 5.66 -9.58 -7.22
CA ALA A 96 5.72 -10.48 -8.36
C ALA A 96 6.45 -11.78 -8.05
N GLY A 97 6.73 -12.08 -6.79
CA GLY A 97 7.41 -13.31 -6.44
C GLY A 97 6.57 -14.53 -6.78
N ASP A 98 7.20 -15.70 -6.63
CA ASP A 98 6.54 -16.95 -6.98
C ASP A 98 5.37 -17.27 -6.06
N ASP A 99 5.28 -16.63 -4.89
CA ASP A 99 4.25 -16.92 -3.91
C ASP A 99 3.14 -15.87 -3.87
N ILE A 100 3.10 -14.98 -4.85
CA ILE A 100 2.14 -13.87 -4.88
C ILE A 100 0.98 -14.25 -5.79
N PRO A 101 -0.27 -14.01 -5.38
CA PRO A 101 -1.42 -14.36 -6.22
C PRO A 101 -1.39 -13.64 -7.55
N PRO A 102 -2.08 -14.15 -8.57
CA PRO A 102 -1.86 -13.66 -9.94
C PRO A 102 -2.53 -12.35 -10.29
N ILE A 103 -3.55 -11.91 -9.53
CA ILE A 103 -4.30 -10.70 -9.85
C ILE A 103 -3.98 -9.68 -8.75
N VAL A 104 -3.17 -8.68 -9.07
CA VAL A 104 -2.65 -7.74 -8.09
C VAL A 104 -3.24 -6.35 -8.33
N PHE A 105 -3.62 -5.68 -7.25
CA PHE A 105 -4.18 -4.33 -7.28
C PHE A 105 -3.16 -3.38 -6.70
N LEU A 106 -2.69 -2.44 -7.52
CA LEU A 106 -1.61 -1.52 -7.13
CA LEU A 106 -1.62 -1.53 -7.12
C LEU A 106 -2.14 -0.10 -7.01
N PRO A 107 -2.26 0.46 -5.81
CA PRO A 107 -2.63 1.88 -5.69
C PRO A 107 -1.48 2.78 -6.10
N ILE A 108 -1.76 3.72 -7.00
CA ILE A 108 -0.76 4.63 -7.56
C ILE A 108 -0.95 6.00 -6.93
N ASN A 109 0.05 6.48 -6.21
CA ASN A 109 -0.02 7.76 -5.51
C ASN A 109 0.88 8.79 -6.16
N GLN A 110 0.33 9.97 -6.43
CA GLN A 110 1.12 11.15 -6.72
C GLN A 110 1.14 11.99 -5.45
N PRO A 111 2.28 12.15 -4.79
CA PRO A 111 2.27 12.74 -3.43
C PRO A 111 1.72 14.16 -3.43
N ASN A 112 0.95 14.46 -2.39
CA ASN A 112 0.26 15.74 -2.21
C ASN A 112 -0.69 16.05 -3.37
N ALA A 113 -1.20 15.02 -4.06
CA ALA A 113 -1.97 15.29 -5.28
C ALA A 113 -3.12 14.32 -5.53
N HIS A 114 -2.85 13.05 -5.79
CA HIS A 114 -3.85 12.23 -6.47
C HIS A 114 -3.63 10.75 -6.18
N TRP A 115 -4.71 9.98 -6.33
CA TRP A 115 -4.70 8.52 -6.26
C TRP A 115 -5.30 7.93 -7.53
N SER A 116 -4.69 6.86 -8.04
CA SER A 116 -5.25 6.08 -9.15
C SER A 116 -4.97 4.60 -8.90
N LEU A 117 -5.46 3.74 -9.78
CA LEU A 117 -5.39 2.30 -9.56
C LEU A 117 -4.90 1.58 -10.80
N LEU A 118 -3.88 0.73 -10.61
CA LEU A 118 -3.35 -0.13 -11.65
C LEU A 118 -3.58 -1.59 -11.28
N VAL A 119 -4.14 -2.37 -12.21
CA VAL A 119 -4.45 -3.77 -12.00
C VAL A 119 -3.63 -4.60 -12.98
N VAL A 120 -2.92 -5.60 -12.46
CA VAL A 120 -2.06 -6.47 -13.27
C VAL A 120 -2.57 -7.90 -13.14
N ASP A 121 -2.93 -8.52 -14.26
CA ASP A 121 -3.48 -9.87 -14.33
C ASP A 121 -2.41 -10.78 -14.93
N ARG A 122 -1.75 -11.58 -14.07
CA ARG A 122 -0.68 -12.47 -14.49
C ARG A 122 -1.11 -13.92 -14.61
N ARG A 123 -2.41 -14.19 -14.74
CA ARG A 123 -2.85 -15.58 -14.79
C ARG A 123 -2.30 -16.32 -16.01
N ASN A 124 -2.01 -15.60 -17.10
CA ASN A 124 -1.30 -16.16 -18.24
C ASN A 124 0.08 -15.52 -18.26
N LYS A 125 1.10 -16.31 -17.93
CA LYS A 125 2.46 -15.78 -17.80
C LYS A 125 2.99 -15.20 -19.11
N ASP A 126 2.45 -15.61 -20.25
CA ASP A 126 2.92 -15.14 -21.55
C ASP A 126 1.96 -14.14 -22.19
N ALA A 127 0.91 -13.73 -21.48
CA ALA A 127 -0.05 -12.75 -22.00
C ALA A 127 -0.57 -11.92 -20.82
N VAL A 128 0.33 -11.19 -20.17
CA VAL A 128 -0.06 -10.37 -19.02
C VAL A 128 -0.85 -9.15 -19.50
N ALA A 129 -1.93 -8.84 -18.79
CA ALA A 129 -2.77 -7.69 -19.09
C ALA A 129 -2.73 -6.71 -17.92
N ALA A 130 -2.70 -5.42 -18.24
CA ALA A 130 -2.62 -4.37 -17.23
C ALA A 130 -3.66 -3.30 -17.53
N TYR A 131 -4.31 -2.81 -16.47
CA TYR A 131 -5.42 -1.86 -16.59
C TYR A 131 -5.20 -0.69 -15.64
N HIS A 132 -5.44 0.53 -16.12
CA HIS A 132 -5.22 1.75 -15.36
C HIS A 132 -6.52 2.54 -15.28
N TYR A 133 -6.93 2.90 -14.07
CA TYR A 133 -8.17 3.63 -13.82
C TYR A 133 -7.84 4.96 -13.15
N ASP A 134 -8.28 6.05 -13.76
CA ASP A 134 -8.04 7.40 -13.26
C ASP A 134 -9.35 8.17 -13.26
N SER A 135 -9.83 8.54 -12.07
CA SER A 135 -11.13 9.19 -11.92
C SER A 135 -11.07 10.70 -12.13
N MET A 136 -9.94 11.25 -12.57
CA MET A 136 -9.84 12.68 -12.81
C MET A 136 -10.37 13.02 -14.20
N ALA A 137 -11.07 14.15 -14.30
CA ALA A 137 -11.69 14.56 -15.54
C ALA A 137 -10.64 14.88 -16.61
N GLN A 138 -9.89 15.96 -16.40
CA GLN A 138 -8.76 16.29 -17.26
C GLN A 138 -7.51 15.67 -16.64
N LYS A 139 -6.96 14.66 -17.30
CA LYS A 139 -5.97 13.79 -16.68
C LYS A 139 -4.59 14.45 -16.61
N ASP A 140 -3.87 14.13 -15.54
CA ASP A 140 -2.53 14.63 -15.32
C ASP A 140 -1.52 13.70 -15.99
N PRO A 141 -0.64 14.20 -16.87
CA PRO A 141 0.38 13.31 -17.45
C PRO A 141 1.28 12.67 -16.43
N GLN A 142 1.44 13.30 -15.26
CA GLN A 142 2.25 12.70 -14.19
C GLN A 142 1.66 11.39 -13.69
N GLN A 143 0.33 11.30 -13.62
CA GLN A 143 -0.31 10.14 -13.02
C GLN A 143 -0.06 8.88 -13.84
N ARG A 144 -0.29 8.95 -15.15
CA ARG A 144 -0.03 7.81 -16.02
C ARG A 144 1.47 7.47 -16.05
N TYR A 145 2.33 8.49 -15.95
CA TYR A 145 3.77 8.24 -15.89
C TYR A 145 4.13 7.42 -14.67
N LEU A 146 3.52 7.72 -13.52
CA LEU A 146 3.78 6.95 -12.31
C LEU A 146 3.25 5.53 -12.44
N ALA A 147 2.12 5.36 -13.13
CA ALA A 147 1.62 4.01 -13.40
C ALA A 147 2.54 3.27 -14.35
N ASP A 148 3.12 3.98 -15.32
CA ASP A 148 4.02 3.33 -16.28
C ASP A 148 5.33 2.90 -15.62
N MET A 149 5.82 3.68 -14.65
CA MET A 149 7.04 3.29 -13.94
C MET A 149 6.82 2.04 -13.10
N ALA A 150 5.65 1.91 -12.48
CA ALA A 150 5.35 0.72 -11.69
C ALA A 150 5.31 -0.52 -12.58
N ALA A 151 4.64 -0.41 -13.73
CA ALA A 151 4.59 -1.54 -14.66
C ALA A 151 5.96 -1.90 -15.19
N TYR A 152 6.79 -0.88 -15.48
CA TYR A 152 8.14 -1.12 -15.99
C TYR A 152 8.98 -1.91 -14.98
N HIS A 153 8.94 -1.51 -13.71
CA HIS A 153 9.73 -2.18 -12.69
C HIS A 153 9.16 -3.54 -12.29
N LEU A 154 7.94 -3.86 -12.69
CA LEU A 154 7.41 -5.20 -12.54
C LEU A 154 7.72 -6.10 -13.75
N GLY A 155 8.53 -5.61 -14.68
CA GLY A 155 8.91 -6.40 -15.84
C GLY A 155 7.92 -6.38 -16.98
N LEU A 156 7.11 -5.34 -17.10
CA LEU A 156 6.10 -5.23 -18.13
C LEU A 156 6.45 -4.12 -19.12
N ASP A 157 5.77 -4.15 -20.26
CA ASP A 157 5.87 -3.10 -21.26
C ASP A 157 4.76 -2.10 -20.99
N TYR A 158 5.13 -0.91 -20.50
CA TYR A 158 4.13 0.08 -20.09
C TYR A 158 3.23 0.49 -21.25
N GLN A 159 3.73 0.38 -22.48
CA GLN A 159 2.94 0.78 -23.64
C GLN A 159 1.73 -0.11 -23.88
N GLN A 160 1.66 -1.27 -23.23
CA GLN A 160 0.55 -2.19 -23.39
C GLN A 160 -0.52 -2.03 -22.31
N THR A 161 -0.32 -1.12 -21.37
CA THR A 161 -1.32 -0.89 -20.33
C THR A 161 -2.55 -0.22 -20.91
N HIS A 162 -3.73 -0.75 -20.61
CA HIS A 162 -4.98 -0.20 -21.09
C HIS A 162 -5.49 0.87 -20.14
N GLU A 163 -5.82 2.04 -20.69
CA GLU A 163 -6.52 3.08 -19.93
C GLU A 163 -8.01 2.77 -19.97
N MET A 164 -8.59 2.45 -18.81
CA MET A 164 -9.93 1.89 -18.75
C MET A 164 -10.94 2.89 -18.19
N PRO A 165 -12.22 2.73 -18.53
CA PRO A 165 -13.22 3.70 -18.06
C PRO A 165 -13.56 3.53 -16.59
N ILE A 166 -13.71 4.66 -15.91
CA ILE A 166 -14.16 4.70 -14.52
C ILE A 166 -14.97 5.97 -14.33
N ALA A 167 -15.85 5.96 -13.34
CA ALA A 167 -16.66 7.14 -13.05
C ALA A 167 -15.77 8.33 -12.72
N ILE A 168 -16.16 9.50 -13.21
CA ILE A 168 -15.37 10.71 -13.07
C ILE A 168 -15.80 11.44 -11.81
N GLN A 169 -14.85 11.77 -10.96
CA GLN A 169 -15.15 12.49 -9.75
C GLN A 169 -15.48 13.94 -10.00
N SER A 170 -16.47 14.42 -9.30
CA SER A 170 -16.92 15.80 -9.45
C SER A 170 -16.40 16.71 -8.35
N ASP A 171 -15.55 16.19 -7.48
CA ASP A 171 -15.00 16.92 -6.35
C ASP A 171 -13.47 16.86 -6.41
N GLY A 172 -12.83 17.46 -5.42
CA GLY A 172 -11.38 17.47 -5.37
C GLY A 172 -10.80 16.67 -4.22
N TYR A 173 -11.55 15.70 -3.70
CA TYR A 173 -11.11 14.96 -2.53
C TYR A 173 -11.29 13.45 -2.60
N SER A 174 -12.20 12.94 -3.44
CA SER A 174 -12.64 11.55 -3.34
C SER A 174 -11.89 10.61 -4.29
N CYS A 175 -10.68 10.97 -4.72
CA CYS A 175 -9.93 10.07 -5.58
C CYS A 175 -9.56 8.78 -4.86
N GLY A 176 -9.24 8.89 -3.56
CA GLY A 176 -9.01 7.68 -2.78
C GLY A 176 -10.25 6.81 -2.70
N ASP A 177 -11.42 7.43 -2.57
CA ASP A 177 -12.67 6.67 -2.52
C ASP A 177 -12.89 5.88 -3.80
N HIS A 178 -12.59 6.50 -4.95
CA HIS A 178 -12.78 5.82 -6.23
C HIS A 178 -11.82 4.65 -6.38
N VAL A 179 -10.60 4.77 -5.83
CA VAL A 179 -9.65 3.67 -5.90
C VAL A 179 -10.15 2.48 -5.07
N LEU A 180 -10.59 2.75 -3.84
CA LEU A 180 -11.03 1.66 -2.97
C LEU A 180 -12.32 1.03 -3.48
N THR A 181 -13.24 1.85 -4.01
CA THR A 181 -14.48 1.30 -4.57
C THR A 181 -14.19 0.45 -5.79
N GLY A 182 -13.24 0.86 -6.63
CA GLY A 182 -12.90 0.06 -7.80
C GLY A 182 -12.30 -1.27 -7.43
N ILE A 183 -11.42 -1.29 -6.42
CA ILE A 183 -10.88 -2.54 -5.91
C ILE A 183 -12.00 -3.41 -5.35
N GLU A 184 -12.91 -2.80 -4.59
CA GLU A 184 -14.05 -3.53 -4.03
C GLU A 184 -14.87 -4.20 -5.13
N VAL A 185 -15.19 -3.45 -6.18
CA VAL A 185 -16.09 -3.96 -7.22
C VAL A 185 -15.39 -5.02 -8.06
N LEU A 186 -14.14 -4.76 -8.46
CA LEU A 186 -13.43 -5.71 -9.32
C LEU A 186 -13.14 -7.01 -8.59
N ALA A 187 -12.87 -6.94 -7.28
CA ALA A 187 -12.61 -8.16 -6.52
C ALA A 187 -13.82 -9.08 -6.53
N HIS A 188 -15.02 -8.52 -6.33
CA HIS A 188 -16.23 -9.35 -6.32
C HIS A 188 -16.60 -9.86 -7.70
N ARG A 189 -16.18 -9.17 -8.77
CA ARG A 189 -16.38 -9.71 -10.11
C ARG A 189 -15.46 -10.90 -10.37
N VAL A 190 -14.28 -10.92 -9.74
CA VAL A 190 -13.42 -12.10 -9.81
C VAL A 190 -14.04 -13.25 -9.04
N LEU A 191 -14.69 -12.95 -7.91
CA LEU A 191 -15.30 -13.99 -7.10
C LEU A 191 -16.43 -14.69 -7.85
N ASP A 192 -17.35 -13.93 -8.45
CA ASP A 192 -18.48 -14.53 -9.13
C ASP A 192 -18.20 -14.91 -10.58
N GLY A 193 -17.07 -14.47 -11.14
CA GLY A 193 -16.65 -14.90 -12.45
C GLY A 193 -17.03 -14.01 -13.61
N THR A 194 -17.48 -12.79 -13.35
CA THR A 194 -17.84 -11.86 -14.42
C THR A 194 -16.67 -10.97 -14.86
N PHE A 195 -15.53 -11.08 -14.18
CA PHE A 195 -14.37 -10.25 -14.50
C PHE A 195 -13.85 -10.50 -15.91
N ASP A 196 -14.02 -11.73 -16.42
CA ASP A 196 -13.44 -12.13 -17.69
C ASP A 196 -14.39 -11.97 -18.88
N TYR A 197 -15.57 -11.39 -18.68
CA TYR A 197 -16.57 -11.34 -19.73
C TYR A 197 -16.94 -9.89 -20.06
N ALA A 198 -18.01 -9.74 -20.85
CA ALA A 198 -18.34 -8.44 -21.43
C ALA A 198 -18.53 -7.37 -20.37
N GLY A 199 -17.72 -6.31 -20.45
CA GLY A 199 -17.78 -5.22 -19.49
C GLY A 199 -17.25 -5.54 -18.11
N GLY A 200 -16.55 -6.66 -17.94
CA GLY A 200 -16.11 -7.07 -16.63
C GLY A 200 -15.07 -6.14 -16.02
N ARG A 201 -14.31 -5.43 -16.84
CA ARG A 201 -13.30 -4.50 -16.37
C ARG A 201 -13.75 -3.05 -16.44
N ASP A 202 -15.05 -2.81 -16.62
CA ASP A 202 -15.59 -1.46 -16.79
C ASP A 202 -16.13 -0.97 -15.46
N LEU A 203 -15.65 0.20 -15.02
CA LEU A 203 -16.06 0.78 -13.74
C LEU A 203 -16.76 2.12 -13.94
N THR A 204 -17.51 2.26 -15.03
CA THR A 204 -18.14 3.54 -15.33
C THR A 204 -19.27 3.88 -14.36
N ASP A 205 -19.92 2.85 -13.79
CA ASP A 205 -21.15 3.04 -13.04
C ASP A 205 -20.96 2.98 -11.53
N ILE A 206 -19.73 2.95 -11.03
CA ILE A 206 -19.52 2.88 -9.59
C ILE A 206 -19.94 4.21 -8.95
N GLU A 207 -20.33 4.14 -7.68
CA GLU A 207 -20.73 5.32 -6.91
C GLU A 207 -20.10 5.22 -5.53
N PRO A 208 -18.91 5.79 -5.35
CA PRO A 208 -18.22 5.66 -4.06
C PRO A 208 -19.01 6.27 -2.92
N ASP A 209 -18.92 5.64 -1.75
CA ASP A 209 -19.69 6.01 -0.56
C ASP A 209 -18.70 6.25 0.58
N ARG A 210 -18.42 7.53 0.86
CA ARG A 210 -17.49 7.87 1.93
C ARG A 210 -18.00 7.38 3.28
N GLY A 211 -19.32 7.39 3.49
CA GLY A 211 -19.85 6.87 4.73
C GLY A 211 -19.61 5.39 4.92
N LEU A 212 -19.78 4.61 3.85
CA LEU A 212 -19.52 3.18 3.91
C LEU A 212 -18.03 2.90 4.13
N ILE A 213 -17.17 3.70 3.50
CA ILE A 213 -15.72 3.53 3.69
C ILE A 213 -15.33 3.80 5.13
N ARG A 214 -15.91 4.85 5.74
CA ARG A 214 -15.61 5.14 7.13
C ARG A 214 -16.13 4.04 8.05
N ASP A 215 -17.29 3.48 7.74
CA ASP A 215 -17.85 2.42 8.57
C ASP A 215 -16.97 1.17 8.53
N ARG A 216 -16.46 0.81 7.35
CA ARG A 216 -15.61 -0.37 7.26
C ARG A 216 -14.28 -0.18 7.97
N LEU A 217 -13.75 1.04 7.98
CA LEU A 217 -12.53 1.31 8.73
C LEU A 217 -12.79 1.30 10.24
N ALA A 218 -14.01 1.67 10.65
CA ALA A 218 -14.33 1.69 12.08
C ALA A 218 -14.64 0.30 12.62
N GLN A 219 -15.22 -0.58 11.79
CA GLN A 219 -15.56 -1.92 12.21
C GLN A 219 -14.46 -2.94 11.96
N ALA A 220 -13.32 -2.50 11.44
CA ALA A 220 -12.21 -3.41 11.16
C ALA A 220 -11.49 -3.78 12.45
N VAL B 19 20.55 -12.66 22.34
CA VAL B 19 19.70 -11.76 23.12
C VAL B 19 19.55 -10.43 22.37
N HIS B 20 20.59 -10.04 21.65
CA HIS B 20 20.56 -8.86 20.79
C HIS B 20 20.39 -9.28 19.33
N ILE B 21 19.95 -8.32 18.52
CA ILE B 21 19.80 -8.53 17.08
C ILE B 21 20.17 -7.24 16.36
N ASN B 22 20.88 -7.38 15.26
CA ASN B 22 21.28 -6.23 14.44
C ASN B 22 20.27 -6.07 13.30
N LEU B 23 19.69 -4.88 13.20
CA LEU B 23 18.72 -4.58 12.17
C LEU B 23 19.15 -3.32 11.43
N LYS B 24 18.60 -3.15 10.22
CA LYS B 24 18.81 -1.97 9.41
C LYS B 24 17.49 -1.29 9.13
N VAL B 25 17.52 0.03 9.07
CA VAL B 25 16.38 0.83 8.64
C VAL B 25 16.82 1.66 7.44
N LYS B 26 16.03 1.59 6.36
CA LYS B 26 16.36 2.28 5.11
C LYS B 26 15.26 3.27 4.78
N GLY B 27 15.60 4.55 4.78
CA GLY B 27 14.67 5.60 4.41
C GLY B 27 14.81 5.98 2.94
N GLN B 28 13.94 6.90 2.53
CA GLN B 28 13.91 7.31 1.13
C GLN B 28 15.13 8.13 0.71
N ASP B 29 16.04 8.44 1.63
CA ASP B 29 17.32 9.00 1.24
C ASP B 29 18.30 7.93 0.75
N GLY B 30 17.93 6.65 0.84
CA GLY B 30 18.79 5.57 0.42
C GLY B 30 19.81 5.14 1.44
N ASN B 31 20.13 5.98 2.42
CA ASN B 31 21.11 5.64 3.44
C ASN B 31 20.49 4.69 4.46
N GLU B 32 21.26 3.66 4.83
CA GLU B 32 20.81 2.67 5.80
C GLU B 32 21.35 3.01 7.18
N VAL B 33 20.49 2.84 8.19
CA VAL B 33 20.81 3.16 9.58
C VAL B 33 20.80 1.85 10.36
N PHE B 34 21.91 1.54 11.02
CA PHE B 34 22.07 0.27 11.72
C PHE B 34 21.61 0.39 13.16
N PHE B 35 20.76 -0.55 13.58
CA PHE B 35 20.25 -0.60 14.94
C PHE B 35 20.65 -1.91 15.60
N ARG B 36 20.87 -1.86 16.92
CA ARG B 36 21.17 -3.03 17.72
C ARG B 36 20.31 -2.96 18.99
N ILE B 37 19.27 -3.79 19.04
CA ILE B 37 18.35 -3.83 20.17
C ILE B 37 18.17 -5.29 20.59
N LYS B 38 17.52 -5.47 21.74
CA LYS B 38 17.18 -6.80 22.21
C LYS B 38 15.98 -7.34 21.45
N ARG B 39 15.91 -8.66 21.35
CA ARG B 39 14.78 -9.30 20.70
C ARG B 39 13.48 -9.14 21.47
N SER B 40 13.55 -8.66 22.72
CA SER B 40 12.37 -8.37 23.52
C SER B 40 12.03 -6.89 23.56
N THR B 41 12.78 -6.06 22.86
CA THR B 41 12.55 -4.61 22.87
C THR B 41 11.45 -4.25 21.88
N GLN B 42 10.49 -3.46 22.34
CA GLN B 42 9.38 -3.05 21.47
C GLN B 42 9.84 -2.03 20.44
N MET B 43 9.16 -2.02 19.29
CA MET B 43 9.60 -1.24 18.14
C MET B 43 9.58 0.26 18.38
N ARG B 44 8.80 0.74 19.37
CA ARG B 44 8.70 2.19 19.57
C ARG B 44 10.06 2.81 19.87
N LYS B 45 10.96 2.05 20.49
CA LYS B 45 12.32 2.55 20.74
C LYS B 45 13.05 2.81 19.43
N LEU B 46 12.92 1.89 18.46
CA LEU B 46 13.56 2.10 17.16
C LEU B 46 12.87 3.19 16.37
N MET B 47 11.53 3.24 16.43
CA MET B 47 10.80 4.25 15.67
CA MET B 47 10.80 4.25 15.67
C MET B 47 11.13 5.66 16.16
N ASN B 48 11.17 5.86 17.47
CA ASN B 48 11.49 7.17 18.03
C ASN B 48 12.90 7.60 17.64
N ALA B 49 13.87 6.69 17.77
CA ALA B 49 15.26 7.04 17.47
C ALA B 49 15.44 7.40 16.01
N TYR B 50 14.73 6.70 15.11
CA TYR B 50 14.84 7.03 13.69
C TYR B 50 14.21 8.37 13.38
N CYS B 51 13.03 8.64 13.95
CA CYS B 51 12.31 9.87 13.63
C CYS B 51 13.05 11.11 14.11
N ASP B 52 13.90 10.97 15.15
CA ASP B 52 14.62 12.13 15.66
C ASP B 52 15.77 12.51 14.73
N ARG B 53 16.23 11.59 13.92
CA ARG B 53 17.28 11.86 12.95
C ARG B 53 16.75 12.65 11.79
N GLN B 54 15.52 12.42 11.41
CA GLN B 54 14.89 13.07 10.28
C GLN B 54 14.06 14.29 10.67
N SER B 55 13.85 14.51 11.98
CA SER B 55 13.05 15.63 12.47
C SER B 55 11.65 15.64 11.88
N VAL B 56 11.03 14.47 11.84
CA VAL B 56 9.62 14.32 11.51
C VAL B 56 9.01 13.37 12.53
N ASP B 57 7.76 13.64 12.90
CA ASP B 57 7.12 12.87 13.95
C ASP B 57 6.75 11.47 13.46
N MET B 58 6.45 10.59 14.41
CA MET B 58 6.08 9.21 14.09
C MET B 58 4.74 9.11 13.39
N ASN B 59 3.93 10.17 13.42
CA ASN B 59 2.64 10.20 12.71
C ASN B 59 2.78 10.67 11.27
N SER B 60 4.01 10.78 10.76
CA SER B 60 4.24 11.17 9.37
C SER B 60 5.09 10.16 8.61
N ILE B 61 5.44 9.03 9.23
CA ILE B 61 6.32 8.03 8.62
CA ILE B 61 6.31 8.03 8.61
C ILE B 61 5.77 6.65 8.95
N ALA B 62 5.73 5.77 7.95
CA ALA B 62 5.30 4.39 8.13
C ALA B 62 6.50 3.47 8.08
N PHE B 63 6.51 2.47 8.95
CA PHE B 63 7.56 1.46 9.03
C PHE B 63 6.99 0.13 8.55
N LEU B 64 7.63 -0.45 7.53
CA LEU B 64 7.18 -1.73 6.97
C LEU B 64 8.32 -2.73 6.99
N PHE B 65 7.99 -3.99 7.31
CA PHE B 65 8.93 -5.09 7.32
C PHE B 65 8.38 -6.19 6.42
N ASP B 66 8.98 -6.34 5.23
CA ASP B 66 8.54 -7.31 4.24
C ASP B 66 7.05 -7.16 3.92
N GLY B 67 6.60 -5.91 3.84
CA GLY B 67 5.22 -5.61 3.50
C GLY B 67 4.27 -5.53 4.67
N ARG B 68 4.75 -5.71 5.90
CA ARG B 68 3.92 -5.67 7.09
C ARG B 68 4.16 -4.37 7.84
N ARG B 69 3.08 -3.66 8.16
CA ARG B 69 3.20 -2.38 8.85
C ARG B 69 3.46 -2.61 10.34
N LEU B 70 4.51 -1.98 10.85
CA LEU B 70 4.94 -2.20 12.22
C LEU B 70 4.23 -1.25 13.19
N ARG B 71 4.04 -1.74 14.41
CA ARG B 71 3.42 -0.99 15.50
C ARG B 71 4.39 -0.85 16.67
N ALA B 72 4.12 0.14 17.51
CA ALA B 72 5.04 0.51 18.57
C ALA B 72 5.26 -0.63 19.57
N GLU B 73 4.25 -1.46 19.80
CA GLU B 73 4.32 -2.44 20.89
C GLU B 73 4.93 -3.78 20.48
N GLN B 74 5.19 -3.99 19.19
CA GLN B 74 5.66 -5.29 18.76
C GLN B 74 7.17 -5.40 18.87
N THR B 75 7.64 -6.62 19.14
CA THR B 75 9.04 -6.94 19.36
C THR B 75 9.59 -7.74 18.18
N PRO B 76 10.92 -7.76 18.01
CA PRO B 76 11.49 -8.56 16.90
C PRO B 76 11.15 -10.04 16.97
N ASP B 77 11.02 -10.60 18.18
CA ASP B 77 10.69 -12.02 18.29
C ASP B 77 9.26 -12.29 17.83
N GLU B 78 8.32 -11.42 18.22
CA GLU B 78 6.95 -11.56 17.75
C GLU B 78 6.86 -11.43 16.23
N LEU B 79 7.69 -10.57 15.64
CA LEU B 79 7.71 -10.35 14.20
C LEU B 79 8.59 -11.35 13.46
N GLU B 80 9.26 -12.26 14.18
CA GLU B 80 10.09 -13.30 13.57
C GLU B 80 11.22 -12.70 12.73
N MET B 81 11.83 -11.62 13.23
CA MET B 81 12.96 -11.03 12.54
C MET B 81 14.23 -11.82 12.82
N GLU B 82 15.19 -11.71 11.89
CA GLU B 82 16.46 -12.40 11.97
C GLU B 82 17.60 -11.40 11.90
N GLU B 83 18.80 -11.88 12.20
CA GLU B 83 20.00 -11.05 12.16
C GLU B 83 20.20 -10.46 10.77
N GLY B 84 20.31 -9.14 10.71
CA GLY B 84 20.53 -8.45 9.45
C GLY B 84 19.28 -8.09 8.67
N ASP B 85 18.09 -8.28 9.24
CA ASP B 85 16.86 -7.94 8.55
C ASP B 85 16.75 -6.42 8.37
N GLU B 86 16.03 -6.03 7.34
CA GLU B 86 15.89 -4.64 6.95
C GLU B 86 14.45 -4.11 6.99
N ILE B 87 14.27 -2.90 7.48
CA ILE B 87 12.98 -2.26 7.64
C ILE B 87 12.93 -1.04 6.74
N ASP B 88 11.80 -0.85 6.05
CA ASP B 88 11.61 0.29 5.17
C ASP B 88 10.81 1.38 5.89
N ALA B 89 11.35 2.59 5.92
CA ALA B 89 10.70 3.74 6.53
C ALA B 89 10.28 4.70 5.41
N MET B 90 8.98 4.93 5.28
CA MET B 90 8.42 5.65 4.14
C MET B 90 7.58 6.82 4.60
N LEU B 91 7.76 7.97 3.96
CA LEU B 91 6.93 9.13 4.23
C LEU B 91 5.48 8.85 3.85
N HIS B 92 4.55 9.39 4.66
CA HIS B 92 3.14 9.18 4.40
C HIS B 92 2.74 9.76 3.05
N GLN B 93 1.78 9.11 2.41
CA GLN B 93 1.27 9.52 1.11
C GLN B 93 -0.16 10.01 1.25
N THR B 94 -0.48 11.13 0.59
CA THR B 94 -1.83 11.64 0.57
C THR B 94 -2.17 12.10 -0.85
N GLY B 95 -3.47 12.19 -1.12
CA GLY B 95 -3.95 12.59 -2.43
C GLY B 95 -5.46 12.78 -2.46
C2 AYE B 96 -7.97 13.05 -4.68
C3 AYE B 96 -8.82 13.61 -5.52
C1 AYE B 96 -7.36 13.88 -3.56
N1 AYE B 96 -5.93 13.59 -3.42
C1 MLI C . -10.63 5.74 -20.47
C2 MLI C . -9.94 7.00 -20.99
C3 MLI C . -12.00 5.61 -21.11
O6 MLI C . -9.04 6.92 -21.87
O7 MLI C . -10.27 8.13 -20.53
O8 MLI C . -12.18 4.82 -22.07
O9 MLI C . -12.97 6.30 -20.67
S1 D1D D . 5.76 13.77 -16.48
C1 D1D D . 5.41 14.58 -17.87
C2 D1D D . 5.71 13.73 -19.22
O2 D1D D . 5.71 14.52 -20.18
C3 D1D D . 7.24 12.87 -19.23
O3 D1D D . 7.16 11.96 -20.08
C4 D1D D . 7.65 12.19 -17.80
S4 D1D D . 7.42 13.19 -16.51
C1 MLI E . 0.20 4.54 9.48
C2 MLI E . -0.74 3.34 9.59
C3 MLI E . 1.62 4.10 9.82
O6 MLI E . -1.04 2.68 8.56
O7 MLI E . -1.22 3.02 10.71
O8 MLI E . 2.54 4.97 9.93
O9 MLI E . 1.87 2.88 10.01
#